data_1USP
#
_entry.id   1USP
#
_cell.length_a   45.408
_cell.length_b   56.600
_cell.length_c   49.458
_cell.angle_alpha   90.00
_cell.angle_beta   90.27
_cell.angle_gamma   90.00
#
_symmetry.space_group_name_H-M   'P 1 21 1'
#
loop_
_entity.id
_entity.type
_entity.pdbx_description
1 polymer 'ORGANIC HYDROPEROXIDE RESISTANCE PROTEIN'
2 polymer 'ORGANIC HYDROPEROXIDE RESISTANCE PROTEIN'
3 non-polymer GLYCEROL
4 water water
#
loop_
_entity_poly.entity_id
_entity_poly.type
_entity_poly.pdbx_seq_one_letter_code
_entity_poly.pdbx_strand_id
1 'polypeptide(L)'
;(MSE)ANVYTAEATATGGRAGTTRSSDDRLNLDLSVPAE(MSE)GGDGGPGTNPEQLFAAGYAACFQGALGVVSRRQKID
VPADSTITARVGLQKAGLAFALDVELEGHFPGLSREQAEGL(MSE)HAAHEVCPYSAATRNNVDVRLKVRE
;
A
2 'polypeptide(L)'
;(MSE)ANVYTAEATATGGRAGTTRSSDDRLNLDLSVPAE(MSE)GGDGGPGTNPEQLFAAGYAACFQGALGVVSRRNKID
VPADSTITARVGLQKAGLAFALDVELEGHFPGLSREQAEGL(MSE)HAAHEVCPYSAATRNNVDVRLKVRE
;
B
#
# COMPACT_ATOMS: atom_id res chain seq x y z
N ASN A 3 -18.34 -3.97 -6.34
CA ASN A 3 -17.43 -2.82 -6.50
C ASN A 3 -18.02 -1.47 -6.08
N VAL A 4 -17.73 -1.08 -4.85
CA VAL A 4 -18.24 0.14 -4.22
C VAL A 4 -17.32 1.37 -4.32
N TYR A 5 -16.07 1.16 -4.78
CA TYR A 5 -15.12 2.26 -5.00
C TYR A 5 -13.92 1.80 -5.85
N THR A 6 -13.39 2.67 -6.69
CA THR A 6 -12.16 2.41 -7.44
C THR A 6 -11.20 3.59 -7.35
N ALA A 7 -9.96 3.31 -6.95
CA ALA A 7 -8.89 4.29 -6.91
C ALA A 7 -7.92 4.04 -8.05
N GLU A 8 -7.29 5.11 -8.50
CA GLU A 8 -6.29 5.04 -9.55
C GLU A 8 -5.08 5.88 -9.23
N ALA A 9 -3.90 5.33 -9.51
CA ALA A 9 -2.67 6.11 -9.35
C ALA A 9 -1.72 5.77 -10.45
N THR A 10 -0.90 6.74 -10.82
CA THR A 10 0.12 6.53 -11.82
C THR A 10 1.50 6.88 -11.27
N ALA A 11 2.46 6.00 -11.51
CA ALA A 11 3.84 6.20 -11.06
C ALA A 11 4.78 6.33 -12.25
N THR A 12 5.71 7.28 -12.16
CA THR A 12 6.81 7.45 -13.10
C THR A 12 8.11 6.94 -12.48
N GLY A 13 9.18 6.82 -13.26
CA GLY A 13 10.45 6.31 -12.77
C GLY A 13 11.53 7.37 -12.71
N GLY A 14 12.73 6.94 -12.33
CA GLY A 14 13.96 7.62 -12.69
C GLY A 14 14.49 8.73 -11.77
N ARG A 15 14.47 8.48 -10.47
CA ARG A 15 15.01 9.41 -9.46
C ARG A 15 14.06 10.57 -9.19
N ALA A 16 13.69 11.30 -10.25
CA ALA A 16 12.57 12.22 -10.22
C ALA A 16 11.21 11.53 -10.20
N GLY A 17 11.14 10.31 -9.65
CA GLY A 17 9.92 9.52 -9.64
C GLY A 17 8.80 10.11 -8.80
N THR A 18 7.56 9.90 -9.24
CA THR A 18 6.41 10.32 -8.47
C THR A 18 5.37 9.22 -8.51
N THR A 19 4.45 9.24 -7.55
CA THR A 19 3.24 8.45 -7.68
C THR A 19 2.06 9.35 -7.29
N ARG A 20 1.04 9.36 -8.13
CA ARG A 20 0.03 10.39 -8.10
C ARG A 20 -1.33 9.81 -8.39
N SER A 21 -2.31 10.09 -7.53
CA SER A 21 -3.67 9.62 -7.77
C SER A 21 -4.37 10.46 -8.83
N SER A 22 -5.32 9.84 -9.52
CA SER A 22 -6.08 10.49 -10.60
C SER A 22 -6.87 11.72 -10.15
N ASP A 23 -7.14 11.84 -8.85
CA ASP A 23 -7.97 12.93 -8.31
C ASP A 23 -7.17 13.97 -7.54
N ASP A 24 -5.84 13.90 -7.64
CA ASP A 24 -4.91 14.83 -6.98
C ASP A 24 -4.79 14.70 -5.45
N ARG A 25 -5.49 13.75 -4.83
CA ARG A 25 -5.40 13.60 -3.37
C ARG A 25 -4.01 13.14 -2.94
N LEU A 26 -3.38 12.32 -3.76
CA LEU A 26 -2.00 11.91 -3.53
C LEU A 26 -1.10 12.48 -4.61
N ASN A 27 -0.05 13.17 -4.21
CA ASN A 27 0.88 13.81 -5.14
C ASN A 27 2.28 13.70 -4.52
N LEU A 28 2.84 12.52 -4.68
CA LEU A 28 3.99 12.13 -3.88
C LEU A 28 5.22 11.91 -4.71
N ASP A 29 6.33 12.38 -4.17
CA ASP A 29 7.64 12.10 -4.70
C ASP A 29 8.05 10.76 -4.15
N LEU A 30 8.91 10.07 -4.89
CA LEU A 30 9.47 8.78 -4.48
C LEU A 30 10.97 8.91 -4.35
N SER A 31 11.51 8.33 -3.28
CA SER A 31 12.96 8.25 -3.11
C SER A 31 13.31 6.86 -2.64
N VAL A 32 14.45 6.35 -3.11
CA VAL A 32 14.96 5.08 -2.63
C VAL A 32 15.72 5.33 -1.33
N PRO A 33 15.37 4.62 -0.26
CA PRO A 33 16.04 4.80 1.02
C PRO A 33 17.54 4.50 1.01
N ALA A 34 18.29 5.28 1.79
CA ALA A 34 19.73 5.11 1.94
C ALA A 34 20.10 3.70 2.36
N GLU A 35 19.21 3.05 3.10
CA GLU A 35 19.39 1.67 3.55
C GLU A 35 19.49 0.65 2.39
N GLY A 37 20.73 1.64 -0.72
CA GLY A 37 21.63 2.23 -1.69
C GLY A 37 21.09 3.41 -2.48
N GLY A 38 19.96 3.96 -2.03
CA GLY A 38 19.40 5.15 -2.65
C GLY A 38 19.94 6.39 -1.99
N ASP A 39 19.51 7.56 -2.45
CA ASP A 39 20.01 8.83 -1.93
C ASP A 39 19.36 9.29 -0.61
N GLY A 40 18.34 8.58 -0.13
CA GLY A 40 17.68 8.93 1.12
C GLY A 40 16.96 10.27 1.06
N GLY A 41 16.44 10.61 -0.11
CA GLY A 41 15.70 11.85 -0.31
C GLY A 41 14.35 11.85 0.38
N PRO A 42 13.64 12.96 0.29
CA PRO A 42 12.38 13.18 1.03
C PRO A 42 11.15 12.46 0.47
N GLY A 43 11.27 11.86 -0.71
CA GLY A 43 10.19 11.07 -1.28
C GLY A 43 9.94 9.80 -0.48
N THR A 44 8.73 9.26 -0.63
CA THR A 44 8.30 8.04 0.05
C THR A 44 8.72 6.84 -0.79
N ASN A 45 8.26 5.65 -0.40
CA ASN A 45 8.61 4.42 -1.09
C ASN A 45 7.46 3.42 -0.94
N PRO A 46 7.46 2.33 -1.70
CA PRO A 46 6.36 1.36 -1.65
C PRO A 46 6.10 0.71 -0.28
N GLU A 47 7.15 0.41 0.47
CA GLU A 47 6.96 -0.23 1.78
C GLU A 47 6.30 0.74 2.74
N GLN A 48 6.73 1.98 2.65
CA GLN A 48 6.14 3.04 3.46
C GLN A 48 4.70 3.34 3.07
N LEU A 49 4.40 3.29 1.78
CA LEU A 49 3.03 3.50 1.33
C LEU A 49 2.15 2.33 1.81
N PHE A 50 2.71 1.13 1.79
CA PHE A 50 1.96 -0.04 2.27
C PHE A 50 1.64 0.08 3.76
N ALA A 51 2.62 0.57 4.52
CA ALA A 51 2.50 0.74 5.97
C ALA A 51 1.40 1.74 6.25
N ALA A 52 1.45 2.88 5.54
CA ALA A 52 0.47 3.93 5.74
C ALA A 52 -0.93 3.46 5.38
N GLY A 53 -1.04 2.69 4.29
CA GLY A 53 -2.33 2.19 3.83
C GLY A 53 -2.89 1.11 4.74
N TYR A 54 -2.04 0.21 5.20
CA TYR A 54 -2.50 -0.92 6.04
C TYR A 54 -2.96 -0.39 7.40
N ALA A 55 -2.23 0.57 7.97
CA ALA A 55 -2.65 1.19 9.22
C ALA A 55 -4.01 1.89 9.06
N ALA A 56 -4.19 2.58 7.94
CA ALA A 56 -5.46 3.27 7.65
C ALA A 56 -6.62 2.28 7.47
N CYS A 57 -6.33 1.15 6.82
CA CYS A 57 -7.32 0.11 6.53
C CYS A 57 -7.80 -0.54 7.83
N PHE A 58 -6.87 -0.75 8.75
CA PHE A 58 -7.21 -1.30 10.07
C PHE A 58 -8.08 -0.35 10.85
N GLN A 59 -7.83 0.95 10.73
CA GLN A 59 -8.66 1.96 11.36
C GLN A 59 -10.08 1.98 10.78
N GLY A 60 -10.20 1.84 9.46
CA GLY A 60 -11.50 1.71 8.81
C GLY A 60 -12.20 0.44 9.27
N ALA A 61 -11.44 -0.64 9.37
CA ALA A 61 -11.99 -1.91 9.86
C ALA A 61 -12.48 -1.81 11.30
N LEU A 62 -11.77 -1.05 12.13
CA LEU A 62 -12.24 -0.81 13.49
C LEU A 62 -13.57 -0.05 13.47
N GLY A 63 -13.72 0.84 12.50
CA GLY A 63 -14.96 1.57 12.31
C GLY A 63 -16.09 0.64 11.96
N VAL A 64 -15.82 -0.30 11.06
CA VAL A 64 -16.80 -1.30 10.62
C VAL A 64 -17.21 -2.19 11.79
N VAL A 65 -16.23 -2.60 12.59
CA VAL A 65 -16.46 -3.51 13.70
C VAL A 65 -17.31 -2.86 14.80
N SER A 66 -17.06 -1.58 15.08
CA SER A 66 -17.78 -0.89 16.16
C SER A 66 -19.25 -0.71 15.81
N ARG A 67 -19.55 -0.37 14.55
CA ARG A 67 -20.92 -0.18 14.09
C ARG A 67 -21.70 -1.50 14.11
N ARG A 68 -21.10 -2.53 13.53
CA ARG A 68 -21.73 -3.84 13.44
C ARG A 68 -21.95 -4.49 14.82
N GLN A 69 -21.03 -4.27 15.75
CA GLN A 69 -21.10 -4.86 17.08
C GLN A 69 -21.64 -3.90 18.16
N LYS A 70 -22.08 -2.71 17.76
CA LYS A 70 -22.54 -1.66 18.70
C LYS A 70 -21.53 -1.40 19.83
N ILE A 71 -20.25 -1.41 19.47
CA ILE A 71 -19.14 -1.21 20.41
C ILE A 71 -18.56 0.21 20.27
N ASP A 72 -17.79 0.62 21.26
CA ASP A 72 -17.21 1.97 21.30
C ASP A 72 -15.69 1.88 21.35
N VAL A 73 -15.04 2.34 20.28
CA VAL A 73 -13.59 2.34 20.21
C VAL A 73 -13.13 3.72 20.68
N PRO A 74 -12.23 3.77 21.65
CA PRO A 74 -11.89 5.03 22.31
C PRO A 74 -11.87 6.25 21.41
N ALA A 75 -10.99 6.26 20.40
CA ALA A 75 -10.53 7.50 19.75
C ALA A 75 -9.37 8.01 20.59
N ASP A 76 -8.38 8.56 19.92
CA ASP A 76 -7.02 8.54 20.46
C ASP A 76 -6.46 7.11 20.33
N SER A 77 -7.29 6.16 19.88
CA SER A 77 -6.80 4.83 19.52
C SER A 77 -5.93 4.96 18.27
N THR A 78 -4.90 4.14 18.22
CA THR A 78 -3.79 4.33 17.29
C THR A 78 -3.37 2.95 16.72
N ILE A 79 -3.13 2.85 15.41
CA ILE A 79 -2.63 1.62 14.78
C ILE A 79 -1.30 1.94 14.07
N THR A 80 -0.26 1.21 14.40
CA THR A 80 1.05 1.36 13.77
C THR A 80 1.38 0.12 12.94
N ALA A 81 1.61 0.31 11.64
CA ALA A 81 2.13 -0.73 10.77
C ALA A 81 3.64 -0.60 10.56
N ARG A 82 4.35 -1.72 10.69
CA ARG A 82 5.76 -1.82 10.37
C ARG A 82 5.90 -2.81 9.21
N VAL A 83 6.41 -2.32 8.10
CA VAL A 83 6.53 -3.08 6.87
C VAL A 83 7.99 -3.13 6.45
N GLY A 84 8.56 -4.33 6.47
CA GLY A 84 9.95 -4.55 6.11
C GLY A 84 10.07 -5.24 4.77
N LEU A 85 11.08 -4.87 4.01
CA LEU A 85 11.41 -5.51 2.77
C LEU A 85 12.47 -6.58 3.04
N GLN A 86 12.20 -7.79 2.60
CA GLN A 86 13.11 -8.91 2.76
C GLN A 86 13.47 -9.43 1.38
N LYS A 87 14.73 -9.80 1.18
CA LYS A 87 15.16 -10.45 -0.05
C LYS A 87 14.85 -11.94 0.08
N ALA A 88 14.31 -12.50 -1.00
CA ALA A 88 13.87 -13.90 -1.02
C ALA A 88 14.34 -14.51 -2.34
N GLY A 89 15.64 -14.74 -2.45
CA GLY A 89 16.26 -15.16 -3.70
C GLY A 89 16.28 -14.02 -4.71
N LEU A 90 15.66 -14.26 -5.86
CA LEU A 90 15.44 -13.23 -6.86
C LEU A 90 14.13 -12.47 -6.60
N ALA A 91 13.35 -12.97 -5.66
CA ALA A 91 12.09 -12.34 -5.28
C ALA A 91 12.31 -11.46 -4.05
N PHE A 92 11.29 -10.65 -3.76
CA PHE A 92 11.23 -9.87 -2.55
C PHE A 92 9.95 -10.27 -1.82
N ALA A 93 9.94 -10.03 -0.50
CA ALA A 93 8.76 -10.29 0.32
C ALA A 93 8.57 -9.21 1.38
N LEU A 94 7.33 -9.01 1.80
CA LEU A 94 7.00 -8.05 2.85
C LEU A 94 6.87 -8.76 4.19
N ASP A 95 7.40 -8.09 5.20
CA ASP A 95 7.29 -8.52 6.58
C ASP A 95 6.42 -7.47 7.27
N VAL A 96 5.35 -7.89 7.93
CA VAL A 96 4.38 -6.93 8.46
C VAL A 96 4.00 -7.17 9.92
N GLU A 97 4.05 -6.12 10.74
CA GLU A 97 3.40 -6.19 12.04
C GLU A 97 2.51 -5.00 12.26
N LEU A 98 1.41 -5.26 12.96
CA LEU A 98 0.41 -4.23 13.24
C LEU A 98 0.26 -4.14 14.74
N GLU A 99 0.42 -2.95 15.29
CA GLU A 99 0.41 -2.74 16.75
C GLU A 99 -0.65 -1.72 17.10
N GLY A 100 -1.65 -2.14 17.88
CA GLY A 100 -2.68 -1.24 18.33
C GLY A 100 -2.46 -0.71 19.73
N HIS A 101 -2.98 0.48 19.98
CA HIS A 101 -3.04 1.08 21.32
C HIS A 101 -4.39 1.73 21.49
N PHE A 102 -5.12 1.33 22.53
CA PHE A 102 -6.50 1.72 22.74
C PHE A 102 -6.63 2.25 24.19
N PRO A 103 -6.44 3.55 24.37
CA PRO A 103 -6.50 4.14 25.72
C PRO A 103 -7.81 3.79 26.44
N GLY A 104 -7.69 3.26 27.66
CA GLY A 104 -8.85 2.96 28.48
C GLY A 104 -9.50 1.60 28.27
N LEU A 105 -8.97 0.78 27.35
CA LEU A 105 -9.47 -0.58 27.15
C LEU A 105 -8.60 -1.56 27.87
N SER A 106 -9.20 -2.65 28.37
CA SER A 106 -8.40 -3.77 28.84
C SER A 106 -7.62 -4.40 27.68
N ARG A 107 -6.56 -5.09 28.02
CA ARG A 107 -5.79 -5.84 27.07
C ARG A 107 -6.63 -6.84 26.27
N GLU A 108 -7.52 -7.56 26.96
CA GLU A 108 -8.38 -8.53 26.28
C GLU A 108 -9.30 -7.83 25.28
N GLN A 109 -9.81 -6.66 25.63
CA GLN A 109 -10.70 -5.92 24.74
C GLN A 109 -9.94 -5.45 23.50
N ALA A 110 -8.73 -4.95 23.70
CA ALA A 110 -7.89 -4.44 22.62
C ALA A 110 -7.52 -5.61 21.70
N GLU A 111 -7.21 -6.76 22.27
CA GLU A 111 -6.82 -7.92 21.49
C GLU A 111 -8.01 -8.39 20.66
N GLY A 112 -9.19 -8.45 21.27
CA GLY A 112 -10.43 -8.68 20.56
C GLY A 112 -10.59 -7.82 19.31
N LEU A 113 -10.36 -6.54 19.46
CA LEU A 113 -10.53 -5.60 18.36
C LEU A 113 -9.52 -5.84 17.23
N HIS A 115 -8.19 -8.65 16.34
CA HIS A 115 -8.55 -9.84 15.58
C HIS A 115 -9.75 -9.58 14.67
N ALA A 116 -10.72 -8.85 15.20
CA ALA A 116 -11.90 -8.45 14.47
C ALA A 116 -11.57 -7.60 13.24
N ALA A 117 -10.70 -6.63 13.42
CA ALA A 117 -10.22 -5.79 12.34
C ALA A 117 -9.46 -6.61 11.33
N HIS A 118 -8.66 -7.58 11.80
CA HIS A 118 -7.85 -8.41 10.92
C HIS A 118 -8.69 -9.28 9.99
N GLU A 119 -9.86 -9.67 10.48
CA GLU A 119 -10.80 -10.48 9.74
C GLU A 119 -11.44 -9.65 8.64
N VAL A 120 -11.67 -8.37 8.90
CA VAL A 120 -12.41 -7.50 7.99
C VAL A 120 -11.52 -6.77 6.97
N CYS A 121 -10.36 -6.33 7.43
CA CYS A 121 -9.48 -5.46 6.65
C CYS A 121 -9.14 -6.09 5.30
N PRO A 122 -9.42 -5.42 4.18
CA PRO A 122 -9.05 -5.97 2.87
C PRO A 122 -7.54 -6.15 2.62
N TYR A 123 -6.68 -5.38 3.27
CA TYR A 123 -5.23 -5.60 3.12
C TYR A 123 -4.88 -6.96 3.74
N SER A 124 -5.51 -7.29 4.88
CA SER A 124 -5.34 -8.60 5.51
C SER A 124 -5.85 -9.75 4.64
N ALA A 125 -7.02 -9.55 4.02
CA ALA A 125 -7.54 -10.53 3.06
C ALA A 125 -6.58 -10.71 1.89
N ALA A 126 -6.04 -9.61 1.39
CA ALA A 126 -5.12 -9.62 0.25
C ALA A 126 -3.83 -10.36 0.51
N THR A 127 -3.34 -10.31 1.76
CA THR A 127 -2.02 -10.84 2.09
C THR A 127 -2.08 -12.16 2.85
N ARG A 128 -3.29 -12.64 3.08
CA ARG A 128 -3.50 -13.86 3.86
C ARG A 128 -2.67 -15.02 3.31
N ASN A 129 -2.04 -15.74 4.24
CA ASN A 129 -1.21 -16.92 3.91
C ASN A 129 0.08 -16.64 3.13
N ASN A 130 0.31 -15.40 2.72
CA ASN A 130 1.56 -15.01 2.04
C ASN A 130 2.48 -14.25 2.99
N VAL A 131 1.88 -13.35 3.77
CA VAL A 131 2.60 -12.54 4.74
C VAL A 131 2.25 -13.04 6.14
N ASP A 132 3.27 -13.33 6.93
CA ASP A 132 3.12 -13.78 8.33
C ASP A 132 2.88 -12.61 9.26
N VAL A 133 1.69 -12.02 9.15
CA VAL A 133 1.37 -10.79 9.84
C VAL A 133 1.40 -11.03 11.35
N ARG A 134 1.98 -10.10 12.09
CA ARG A 134 2.02 -10.15 13.54
C ARG A 134 1.10 -9.08 14.09
N LEU A 135 0.13 -9.48 14.90
CA LEU A 135 -0.79 -8.55 15.57
C LEU A 135 -0.36 -8.36 17.02
N LYS A 136 -0.25 -7.11 17.42
CA LYS A 136 0.27 -6.74 18.73
C LYS A 136 -0.64 -5.69 19.36
N VAL A 137 -0.66 -5.68 20.69
CA VAL A 137 -1.34 -4.63 21.44
C VAL A 137 -0.30 -4.05 22.41
N ARG A 138 -0.15 -2.74 22.39
CA ARG A 138 0.69 -2.03 23.36
C ARG A 138 -0.23 -1.55 24.50
N GLU A 139 -1.43 -1.08 24.13
CA GLU A 139 -2.52 -0.71 25.04
C GLU A 139 -2.48 -1.32 26.45
N ALA B 2 16.03 -11.12 8.22
CA ALA B 2 16.19 -9.68 8.55
C ALA B 2 15.73 -8.78 7.41
N ASN B 3 15.21 -7.61 7.77
CA ASN B 3 14.69 -6.67 6.79
C ASN B 3 15.81 -5.77 6.27
N VAL B 4 15.92 -5.62 4.95
CA VAL B 4 16.86 -4.67 4.35
C VAL B 4 16.46 -3.21 4.60
N TYR B 5 15.16 -3.00 4.82
CA TYR B 5 14.63 -1.69 5.14
C TYR B 5 13.29 -1.94 5.81
N THR B 6 12.97 -1.17 6.84
CA THR B 6 11.67 -1.20 7.52
C THR B 6 11.08 0.19 7.58
N ALA B 7 9.83 0.32 7.12
CA ALA B 7 9.05 1.54 7.20
C ALA B 7 7.99 1.39 8.30
N GLU B 8 7.55 2.52 8.85
CA GLU B 8 6.54 2.56 9.91
C GLU B 8 5.58 3.71 9.69
N ALA B 9 4.30 3.45 9.94
CA ALA B 9 3.30 4.47 9.85
C ALA B 9 2.21 4.22 10.88
N THR B 10 1.67 5.31 11.40
CA THR B 10 0.59 5.26 12.38
C THR B 10 -0.60 6.02 11.88
N ALA B 11 -1.77 5.39 11.98
CA ALA B 11 -3.03 5.98 11.61
C ALA B 11 -3.92 6.18 12.83
N THR B 12 -4.68 7.26 12.80
CA THR B 12 -5.79 7.51 13.73
C THR B 12 -7.14 7.36 13.03
N GLY B 13 -8.18 7.16 13.82
CA GLY B 13 -9.52 6.90 13.32
C GLY B 13 -10.38 8.14 13.35
N GLY B 14 -11.63 7.96 12.91
CA GLY B 14 -12.60 9.04 12.86
C GLY B 14 -12.72 9.63 11.47
N ARG B 15 -13.44 10.74 11.38
CA ARG B 15 -13.58 11.50 10.14
C ARG B 15 -12.42 12.49 10.00
N ALA B 16 -11.83 12.88 11.13
CA ALA B 16 -10.59 13.65 11.13
C ALA B 16 -9.34 12.78 11.21
N GLY B 17 -9.38 11.61 10.59
CA GLY B 17 -8.29 10.65 10.70
C GLY B 17 -7.06 11.06 9.91
N THR B 18 -5.89 10.56 10.32
CA THR B 18 -4.64 10.74 9.58
C THR B 18 -3.83 9.44 9.51
N THR B 19 -2.92 9.38 8.57
CA THR B 19 -1.89 8.35 8.51
C THR B 19 -0.54 9.01 8.17
N ARG B 20 0.47 8.62 8.93
CA ARG B 20 1.68 9.40 9.02
C ARG B 20 2.86 8.50 9.30
N SER B 21 3.86 8.57 8.44
CA SER B 21 5.05 7.75 8.62
C SER B 21 5.91 8.30 9.75
N SER B 22 6.76 7.44 10.29
CA SER B 22 7.60 7.79 11.43
C SER B 22 8.69 8.83 11.09
N ASP B 23 8.99 9.00 9.81
CA ASP B 23 9.93 10.03 9.33
C ASP B 23 9.26 11.27 8.71
N ASP B 24 7.94 11.33 8.80
CA ASP B 24 7.12 12.36 8.19
C ASP B 24 7.15 12.46 6.66
N ARG B 25 7.80 11.53 5.96
CA ARG B 25 7.77 11.51 4.49
C ARG B 25 6.35 11.41 3.93
N LEU B 26 5.51 10.69 4.68
CA LEU B 26 4.08 10.68 4.46
C LEU B 26 3.44 11.27 5.70
N ASN B 27 2.58 12.26 5.47
CA ASN B 27 1.85 12.92 6.53
C ASN B 27 0.52 13.33 5.91
N LEU B 28 -0.46 12.45 6.03
CA LEU B 28 -1.65 12.50 5.18
C LEU B 28 -2.93 12.48 6.01
N ASP B 29 -3.96 13.15 5.51
CA ASP B 29 -5.31 13.03 6.04
C ASP B 29 -6.05 11.90 5.35
N LEU B 30 -7.05 11.39 6.04
CA LEU B 30 -7.89 10.31 5.56
C LEU B 30 -9.32 10.80 5.45
N SER B 31 -9.91 10.56 4.30
CA SER B 31 -11.34 10.81 4.09
C SER B 31 -11.97 9.57 3.45
N VAL B 32 -13.17 9.21 3.90
CA VAL B 32 -13.98 8.20 3.24
C VAL B 32 -14.56 8.77 1.95
N PRO B 33 -14.36 8.10 0.81
CA PRO B 33 -14.89 8.61 -0.46
C PRO B 33 -16.41 8.81 -0.41
N ALA B 34 -16.90 9.83 -1.10
CA ALA B 34 -18.33 10.12 -1.23
C ALA B 34 -19.09 8.89 -1.72
N GLU B 35 -18.51 8.22 -2.70
CA GLU B 35 -19.10 7.05 -3.35
C GLU B 35 -19.43 5.93 -2.36
N GLY B 37 -20.31 6.62 0.92
CA GLY B 37 -21.11 7.20 1.99
C GLY B 37 -20.32 8.12 2.89
N GLY B 38 -19.13 8.51 2.47
CA GLY B 38 -18.24 9.32 3.29
C GLY B 38 -18.38 10.79 2.94
N ASP B 39 -17.70 11.64 3.71
CA ASP B 39 -17.74 13.09 3.47
C ASP B 39 -17.02 13.54 2.18
N GLY B 40 -16.29 12.62 1.56
CA GLY B 40 -15.61 12.90 0.30
C GLY B 40 -14.64 14.06 0.37
N GLY B 41 -13.99 14.20 1.52
CA GLY B 41 -13.04 15.29 1.75
C GLY B 41 -11.74 15.11 0.99
N PRO B 42 -10.77 16.00 1.27
CA PRO B 42 -9.50 16.01 0.54
C PRO B 42 -8.53 14.88 0.92
N GLY B 43 -8.80 14.19 2.02
CA GLY B 43 -8.00 13.06 2.44
C GLY B 43 -8.04 11.86 1.51
N THR B 44 -7.00 11.03 1.62
CA THR B 44 -6.86 9.81 0.84
C THR B 44 -7.51 8.64 1.57
N ASN B 45 -7.29 7.42 1.08
CA ASN B 45 -7.93 6.24 1.65
C ASN B 45 -7.09 4.98 1.40
N PRO B 46 -7.37 3.86 2.07
CA PRO B 46 -6.52 2.66 1.93
C PRO B 46 -6.38 2.12 0.49
N GLU B 47 -7.41 2.20 -0.32
CA GLU B 47 -7.36 1.67 -1.69
C GLU B 47 -6.51 2.57 -2.58
N GLN B 48 -6.57 3.86 -2.34
CA GLN B 48 -5.82 4.81 -3.14
C GLN B 48 -4.34 4.74 -2.75
N LEU B 49 -4.08 4.52 -1.46
CA LEU B 49 -2.72 4.31 -1.00
C LEU B 49 -2.15 3.03 -1.57
N PHE B 50 -2.98 1.99 -1.66
CA PHE B 50 -2.56 0.73 -2.24
C PHE B 50 -2.24 0.90 -3.72
N ALA B 51 -3.07 1.63 -4.43
CA ALA B 51 -2.82 1.91 -5.83
C ALA B 51 -1.51 2.69 -6.05
N ALA B 52 -1.24 3.71 -5.23
CA ALA B 52 -0.02 4.52 -5.41
C ALA B 52 1.22 3.69 -5.10
N GLY B 53 1.08 2.82 -4.10
CA GLY B 53 2.18 1.98 -3.67
C GLY B 53 2.50 0.91 -4.67
N TYR B 54 1.48 0.30 -5.25
CA TYR B 54 1.66 -0.81 -6.20
C TYR B 54 2.27 -0.28 -7.49
N ALA B 55 1.79 0.86 -7.95
CA ALA B 55 2.33 1.52 -9.13
C ALA B 55 3.81 1.83 -8.91
N ALA B 56 4.11 2.39 -7.73
CA ALA B 56 5.47 2.68 -7.34
C ALA B 56 6.32 1.43 -7.25
N CYS B 57 5.78 0.36 -6.65
CA CYS B 57 6.47 -0.90 -6.49
C CYS B 57 6.85 -1.52 -7.85
N PHE B 58 5.93 -1.43 -8.81
CA PHE B 58 6.20 -1.94 -10.15
C PHE B 58 7.30 -1.17 -10.86
N GLN B 59 7.34 0.15 -10.68
CA GLN B 59 8.41 0.98 -11.21
C GLN B 59 9.75 0.57 -10.62
N GLY B 60 9.77 0.33 -9.32
CA GLY B 60 10.95 -0.19 -8.65
C GLY B 60 11.38 -1.53 -9.24
N ALA B 61 10.40 -2.39 -9.48
CA ALA B 61 10.65 -3.71 -10.01
C ALA B 61 11.16 -3.65 -11.46
N LEU B 62 10.72 -2.66 -12.22
CA LEU B 62 11.23 -2.46 -13.59
C LEU B 62 12.71 -2.12 -13.59
N GLY B 63 13.15 -1.34 -12.61
CA GLY B 63 14.54 -1.01 -12.43
C GLY B 63 15.38 -2.23 -12.09
N VAL B 64 14.85 -3.10 -11.23
CA VAL B 64 15.53 -4.35 -10.87
C VAL B 64 15.70 -5.21 -12.13
N VAL B 65 14.60 -5.41 -12.84
CA VAL B 65 14.59 -6.17 -14.09
C VAL B 65 15.58 -5.60 -15.10
N SER B 66 15.66 -4.28 -15.18
CA SER B 66 16.52 -3.59 -16.14
C SER B 66 18.00 -3.83 -15.85
N ARG B 67 18.36 -3.79 -14.56
CA ARG B 67 19.73 -4.03 -14.12
C ARG B 67 20.12 -5.49 -14.25
N ARG B 68 19.22 -6.39 -13.87
CA ARG B 68 19.52 -7.82 -13.93
C ARG B 68 19.70 -8.32 -15.37
N ASN B 69 18.78 -7.94 -16.24
CA ASN B 69 18.76 -8.44 -17.61
C ASN B 69 19.47 -7.54 -18.62
N LYS B 70 20.03 -6.44 -18.12
CA LYS B 70 20.74 -5.46 -18.94
C LYS B 70 19.89 -5.04 -20.15
N ILE B 71 18.66 -4.63 -19.86
CA ILE B 71 17.72 -4.19 -20.86
C ILE B 71 17.28 -2.78 -20.53
N ASP B 72 17.01 -1.98 -21.54
CA ASP B 72 16.74 -0.57 -21.35
C ASP B 72 15.24 -0.31 -21.27
N VAL B 73 14.83 0.34 -20.18
CA VAL B 73 13.44 0.73 -19.99
C VAL B 73 13.34 2.22 -20.24
N PRO B 74 12.54 2.64 -21.23
CA PRO B 74 12.34 4.07 -21.50
C PRO B 74 12.04 4.87 -20.23
N ALA B 75 12.67 6.04 -20.13
CA ALA B 75 12.66 6.86 -18.91
C ALA B 75 11.28 7.48 -18.61
N ASP B 76 10.47 7.64 -19.64
CA ASP B 76 9.11 8.18 -19.51
C ASP B 76 8.03 7.09 -19.45
N SER B 77 8.44 5.87 -19.12
CA SER B 77 7.49 4.76 -18.92
C SER B 77 6.65 5.02 -17.68
N THR B 78 5.38 4.63 -17.72
CA THR B 78 4.47 4.78 -16.59
C THR B 78 3.78 3.48 -16.24
N ILE B 79 3.36 3.37 -14.98
CA ILE B 79 2.52 2.26 -14.51
C ILE B 79 1.30 2.89 -13.84
N THR B 80 0.12 2.46 -14.25
CA THR B 80 -1.12 2.97 -13.65
C THR B 80 -1.74 1.79 -12.97
N ALA B 81 -2.00 1.92 -11.67
CA ALA B 81 -2.68 0.90 -10.91
C ALA B 81 -4.10 1.35 -10.66
N ARG B 82 -5.05 0.49 -10.97
CA ARG B 82 -6.45 0.70 -10.62
C ARG B 82 -6.82 -0.38 -9.63
N VAL B 83 -7.31 0.06 -8.47
CA VAL B 83 -7.63 -0.80 -7.35
C VAL B 83 -9.10 -0.65 -6.96
N GLY B 84 -9.89 -1.71 -7.14
CA GLY B 84 -11.29 -1.71 -6.75
C GLY B 84 -11.51 -2.39 -5.41
N LEU B 85 -12.36 -1.80 -4.57
CA LEU B 85 -12.83 -2.39 -3.32
C LEU B 85 -14.16 -3.06 -3.61
N GLN B 86 -14.27 -4.33 -3.27
CA GLN B 86 -15.49 -5.10 -3.49
C GLN B 86 -16.06 -5.58 -2.16
N LYS B 87 -17.39 -5.58 -2.04
CA LYS B 87 -18.08 -6.00 -0.82
C LYS B 87 -18.94 -7.24 -1.08
N PHE B 92 -14.98 -7.69 2.45
CA PHE B 92 -14.14 -6.80 1.63
C PHE B 92 -12.93 -7.49 0.96
N ALA B 93 -12.76 -7.24 -0.34
CA ALA B 93 -11.59 -7.70 -1.10
C ALA B 93 -11.15 -6.65 -2.11
N LEU B 94 -9.87 -6.72 -2.49
CA LEU B 94 -9.31 -5.80 -3.45
C LEU B 94 -9.19 -6.49 -4.80
N ASP B 95 -9.31 -5.70 -5.84
CA ASP B 95 -9.17 -6.14 -7.22
C ASP B 95 -8.15 -5.19 -7.85
N VAL B 96 -7.21 -5.70 -8.64
CA VAL B 96 -6.15 -4.84 -9.17
C VAL B 96 -5.95 -5.02 -10.66
N GLU B 97 -5.77 -3.89 -11.35
CA GLU B 97 -5.31 -3.83 -12.73
C GLU B 97 -4.10 -2.90 -12.80
N LEU B 98 -3.01 -3.39 -13.37
CA LEU B 98 -1.80 -2.62 -13.62
C LEU B 98 -1.59 -2.46 -15.11
N GLU B 99 -1.42 -1.23 -15.58
CA GLU B 99 -1.26 -0.91 -17.00
C GLU B 99 -0.01 -0.08 -17.23
N GLY B 100 0.95 -0.63 -17.97
CA GLY B 100 2.18 0.05 -18.27
C GLY B 100 2.26 0.63 -19.68
N HIS B 101 2.86 1.81 -19.79
CA HIS B 101 3.10 2.42 -21.08
C HIS B 101 4.61 2.58 -21.22
N PHE B 102 5.19 2.01 -22.26
CA PHE B 102 6.62 2.02 -22.47
C PHE B 102 6.95 2.62 -23.84
N PRO B 103 7.10 3.93 -23.93
CA PRO B 103 7.23 4.59 -25.24
C PRO B 103 8.37 3.98 -26.06
N GLY B 104 8.07 3.55 -27.29
CA GLY B 104 9.09 3.07 -28.20
C GLY B 104 9.33 1.56 -28.19
N LEU B 105 8.77 0.85 -27.22
CA LEU B 105 8.84 -0.60 -27.19
C LEU B 105 7.67 -1.18 -27.94
N SER B 106 7.83 -2.40 -28.43
CA SER B 106 6.71 -3.14 -29.03
C SER B 106 5.82 -3.73 -27.95
N ARG B 107 4.57 -4.05 -28.30
CA ARG B 107 3.63 -4.66 -27.37
C ARG B 107 4.20 -5.95 -26.75
N GLU B 108 4.98 -6.68 -27.53
CA GLU B 108 5.60 -7.92 -27.05
C GLU B 108 6.67 -7.65 -25.99
N GLN B 109 7.50 -6.64 -26.21
CA GLN B 109 8.55 -6.26 -25.26
C GLN B 109 7.93 -5.75 -23.96
N ALA B 110 6.94 -4.87 -24.10
CA ALA B 110 6.24 -4.29 -22.96
C ALA B 110 5.57 -5.36 -22.10
N GLU B 111 4.93 -6.34 -22.75
CA GLU B 111 4.28 -7.43 -22.03
C GLU B 111 5.29 -8.31 -21.30
N GLY B 112 6.45 -8.55 -21.90
CA GLY B 112 7.54 -9.26 -21.24
C GLY B 112 8.06 -8.51 -20.01
N LEU B 113 8.11 -7.19 -20.10
CA LEU B 113 8.56 -6.36 -18.98
C LEU B 113 7.57 -6.42 -17.81
N HIS B 115 5.35 -8.88 -17.14
CA HIS B 115 5.42 -10.19 -16.51
C HIS B 115 6.69 -10.35 -15.65
N ALA B 116 7.82 -9.81 -16.10
CA ALA B 116 9.06 -9.91 -15.32
C ALA B 116 8.98 -9.10 -14.03
N ALA B 117 8.40 -7.90 -14.13
CA ALA B 117 8.27 -7.02 -12.97
C ALA B 117 7.37 -7.68 -11.91
N HIS B 118 6.33 -8.36 -12.38
CA HIS B 118 5.35 -8.99 -11.50
C HIS B 118 5.93 -10.13 -10.67
N GLU B 119 7.01 -10.75 -11.16
CA GLU B 119 7.70 -11.82 -10.43
C GLU B 119 8.65 -11.29 -9.36
N VAL B 120 9.05 -10.03 -9.49
CA VAL B 120 10.00 -9.40 -8.56
C VAL B 120 9.27 -8.59 -7.47
N CYS B 121 8.29 -7.80 -7.88
CA CYS B 121 7.60 -6.84 -7.02
C CYS B 121 7.06 -7.52 -5.77
N PRO B 122 7.44 -7.04 -4.57
CA PRO B 122 6.93 -7.63 -3.34
C PRO B 122 5.43 -7.46 -3.10
N TYR B 123 4.77 -6.43 -3.64
CA TYR B 123 3.29 -6.35 -3.53
C TYR B 123 2.65 -7.54 -4.25
N SER B 124 3.18 -7.90 -5.41
CA SER B 124 2.71 -9.06 -6.18
C SER B 124 2.91 -10.36 -5.41
N ALA B 125 4.08 -10.52 -4.80
CA ALA B 125 4.33 -11.69 -3.96
C ALA B 125 3.37 -11.74 -2.76
N ALA B 126 3.19 -10.58 -2.12
CA ALA B 126 2.30 -10.43 -0.95
C ALA B 126 0.84 -10.74 -1.22
N THR B 127 0.37 -10.49 -2.43
CA THR B 127 -1.04 -10.61 -2.73
C THR B 127 -1.33 -11.81 -3.62
N ARG B 128 -0.32 -12.63 -3.88
CA ARG B 128 -0.41 -13.78 -4.79
C ARG B 128 -1.56 -14.69 -4.38
N ASN B 129 -2.34 -15.12 -5.37
CA ASN B 129 -3.46 -16.06 -5.16
C ASN B 129 -4.68 -15.51 -4.42
N ASN B 130 -4.58 -14.31 -3.85
CA ASN B 130 -5.68 -13.71 -3.08
C ASN B 130 -6.36 -12.58 -3.83
N VAL B 131 -5.58 -11.89 -4.65
CA VAL B 131 -6.07 -10.76 -5.42
C VAL B 131 -5.87 -11.12 -6.88
N ASP B 132 -6.90 -10.89 -7.70
CA ASP B 132 -6.76 -11.02 -9.14
C ASP B 132 -5.99 -9.80 -9.58
N VAL B 133 -4.76 -10.02 -10.05
CA VAL B 133 -3.96 -8.93 -10.60
C VAL B 133 -3.87 -9.13 -12.10
N ARG B 134 -4.46 -8.22 -12.84
CA ARG B 134 -4.44 -8.24 -14.29
C ARG B 134 -3.40 -7.26 -14.83
N LEU B 135 -2.50 -7.76 -15.68
CA LEU B 135 -1.45 -6.96 -16.33
C LEU B 135 -1.84 -6.54 -17.75
N LYS B 136 -1.73 -5.25 -18.03
CA LYS B 136 -2.07 -4.67 -19.33
C LYS B 136 -0.95 -3.76 -19.82
N VAL B 137 -0.83 -3.69 -21.14
CA VAL B 137 0.06 -2.75 -21.81
C VAL B 137 -0.79 -1.74 -22.58
N ARG B 138 -0.32 -0.50 -22.57
CA ARG B 138 -1.02 0.64 -23.12
C ARG B 138 -0.27 1.16 -24.34
N GLU B 139 -1.00 1.39 -25.42
CA GLU B 139 -0.44 1.90 -26.67
C GLU B 139 0.04 3.34 -26.55
#